data_4JHT
#
_entry.id   4JHT
#
_cell.length_a   36.839
_cell.length_b   38.848
_cell.length_c   40.450
_cell.angle_alpha   77.620
_cell.angle_beta   75.010
_cell.angle_gamma   66.100
#
_symmetry.space_group_name_H-M   'P 1'
#
loop_
_entity.id
_entity.type
_entity.pdbx_description
1 polymer 'Alpha-ketoglutarate-dependent dioxygenase AlkB'
2 non-polymer '8-hydroxyquinoline-5-carboxylic acid'
3 non-polymer 'MANGANESE (II) ION'
4 non-polymer 'ACETATE ION'
5 non-polymer 'DIMETHYL SULFOXIDE'
6 water water
#
_entity_poly.entity_id   1
_entity_poly.type   'polypeptide(L)'
_entity_poly.pdbx_seq_one_letter_code
;MQEPLAAGAVILRRFAFNAAEQLIRDINDVASQSPFRQMVTPGGYTMSVAMTNCGHLGWTTHRQGYLYSPIDPQTNKPWP
AMPQSFHNLCQRAATAAGYPDFQPDACLINRYAPGAKLSLHQDKDEPDLRAPIVSVSLGLPAIFQFGGLKRNDPLKRLLL
EHGDVVVWGGESRLFYHGIQPLKAGFHPLTIDCRYNLTFRQAGKKE
;
_entity_poly.pdbx_strand_id   A
#
# COMPACT_ATOMS: atom_id res chain seq x y z
N PRO A 4 0.72 22.65 -5.37
CA PRO A 4 0.71 21.28 -5.87
C PRO A 4 1.84 20.44 -5.25
N LEU A 5 1.48 19.61 -4.25
CA LEU A 5 2.47 18.95 -3.39
C LEU A 5 3.38 17.99 -4.16
N ALA A 6 2.76 17.13 -4.97
CA ALA A 6 3.48 16.19 -5.81
C ALA A 6 2.76 16.11 -7.14
N ALA A 7 3.43 16.46 -8.22
CA ALA A 7 2.82 16.51 -9.55
C ALA A 7 2.19 15.18 -9.91
N GLY A 8 0.89 15.17 -10.19
CA GLY A 8 0.23 13.94 -10.54
C GLY A 8 -0.47 13.29 -9.36
N ALA A 9 -0.12 13.66 -8.15
CA ALA A 9 -0.73 13.03 -6.99
C ALA A 9 -1.99 13.76 -6.57
N VAL A 10 -2.94 13.00 -6.05
CA VAL A 10 -4.19 13.56 -5.58
C VAL A 10 -4.40 13.06 -4.15
N ILE A 11 -4.29 13.96 -3.18
CA ILE A 11 -4.50 13.63 -1.79
C ILE A 11 -5.95 13.86 -1.42
N LEU A 12 -6.59 12.83 -0.90
CA LEU A 12 -8.02 12.85 -0.51
C LEU A 12 -8.12 12.56 0.98
N ARG A 13 -7.91 13.58 1.80
CA ARG A 13 -7.87 13.38 3.26
C ARG A 13 -9.23 12.90 3.75
N ARG A 14 -9.20 11.90 4.62
CA ARG A 14 -10.38 11.30 5.23
C ARG A 14 -11.36 10.67 4.24
N PHE A 15 -10.93 10.42 3.00
CA PHE A 15 -11.84 9.86 2.01
C PHE A 15 -12.38 8.49 2.43
N ALA A 16 -11.58 7.73 3.14
CA ALA A 16 -11.93 6.36 3.55
C ALA A 16 -12.34 6.32 5.02
N PHE A 17 -12.59 7.47 5.65
CA PHE A 17 -12.89 7.48 7.08
C PHE A 17 -14.15 6.68 7.38
N ASN A 18 -15.21 6.89 6.62
CA ASN A 18 -16.44 6.17 6.89
C ASN A 18 -16.31 4.67 6.60
N ALA A 19 -15.54 4.32 5.59
CA ALA A 19 -15.36 2.92 5.21
C ALA A 19 -14.38 2.15 6.08
N ALA A 20 -13.67 2.84 6.96
CA ALA A 20 -12.51 2.25 7.62
C ALA A 20 -12.84 1.02 8.46
N GLU A 21 -13.92 1.04 9.22
CA GLU A 21 -14.21 -0.11 10.05
C GLU A 21 -14.43 -1.36 9.19
N GLN A 22 -15.15 -1.23 8.08
CA GLN A 22 -15.34 -2.36 7.18
C GLN A 22 -14.03 -2.78 6.52
N LEU A 23 -13.21 -1.81 6.12
CA LEU A 23 -11.94 -2.15 5.52
C LEU A 23 -11.08 -2.97 6.47
N ILE A 24 -11.07 -2.58 7.74
CA ILE A 24 -10.29 -3.30 8.74
C ILE A 24 -10.82 -4.71 8.99
N ARG A 25 -12.13 -4.85 9.01
CA ARG A 25 -12.71 -6.18 9.09
C ARG A 25 -12.23 -7.05 7.94
N ASP A 26 -12.19 -6.47 6.74
CA ASP A 26 -11.75 -7.23 5.57
C ASP A 26 -10.25 -7.50 5.58
N ILE A 27 -9.45 -6.59 6.11
CA ILE A 27 -8.02 -6.90 6.33
C ILE A 27 -7.92 -8.17 7.19
N ASN A 28 -8.66 -8.20 8.29
CA ASN A 28 -8.57 -9.33 9.19
C ASN A 28 -9.02 -10.60 8.49
N ASP A 29 -10.05 -10.51 7.65
CA ASP A 29 -10.50 -11.69 6.91
C ASP A 29 -9.42 -12.17 5.93
N VAL A 30 -8.83 -11.25 5.18
CA VAL A 30 -7.75 -11.61 4.27
C VAL A 30 -6.62 -12.29 5.02
N ALA A 31 -6.20 -11.70 6.13
CA ALA A 31 -5.06 -12.20 6.88
C ALA A 31 -5.35 -13.56 7.52
N SER A 32 -6.62 -13.89 7.73
CA SER A 32 -6.97 -15.18 8.30
C SER A 32 -6.68 -16.30 7.31
N GLN A 33 -6.53 -15.95 6.05
CA GLN A 33 -6.24 -16.88 4.99
C GLN A 33 -4.78 -16.81 4.53
N SER A 34 -4.34 -15.61 4.18
CA SER A 34 -2.94 -15.34 3.87
C SER A 34 -2.38 -14.46 4.98
N PRO A 35 -1.69 -15.05 5.95
CA PRO A 35 -1.29 -14.27 7.12
C PRO A 35 -0.30 -13.16 6.80
N PHE A 36 -0.27 -12.16 7.65
CA PHE A 36 0.82 -11.19 7.61
C PHE A 36 2.14 -11.90 7.81
N ARG A 37 3.15 -11.53 7.04
CA ARG A 37 4.49 -12.05 7.23
C ARG A 37 5.48 -10.95 6.92
N GLN A 38 6.62 -11.00 7.58
CA GLN A 38 7.70 -10.06 7.31
C GLN A 38 8.62 -10.68 6.30
N MET A 39 8.57 -10.15 5.08
CA MET A 39 9.36 -10.68 3.99
C MET A 39 10.83 -10.34 4.10
N VAL A 40 11.66 -11.08 3.40
CA VAL A 40 13.08 -10.86 3.40
C VAL A 40 13.47 -10.18 2.10
N THR A 41 14.21 -9.08 2.22
CA THR A 41 14.65 -8.35 1.05
C THR A 41 15.69 -9.15 0.27
N PRO A 42 15.91 -8.78 -1.00
CA PRO A 42 16.98 -9.45 -1.76
C PRO A 42 18.33 -9.39 -1.06
N GLY A 43 18.56 -8.34 -0.26
CA GLY A 43 19.80 -8.20 0.47
C GLY A 43 19.93 -9.03 1.74
N GLY A 44 18.84 -9.68 2.13
CA GLY A 44 18.88 -10.59 3.28
C GLY A 44 18.27 -10.05 4.55
N TYR A 45 17.68 -8.87 4.51
CA TYR A 45 17.12 -8.27 5.72
C TYR A 45 15.64 -8.55 5.87
N THR A 46 15.20 -8.76 7.10
CA THR A 46 13.80 -8.98 7.35
C THR A 46 13.13 -7.62 7.47
N MET A 47 12.14 -7.36 6.64
CA MET A 47 11.43 -6.09 6.69
C MET A 47 10.76 -5.91 8.04
N SER A 48 10.74 -4.67 8.52
CA SER A 48 10.01 -4.38 9.76
C SER A 48 8.51 -4.28 9.53
N VAL A 49 8.11 -3.93 8.30
CA VAL A 49 6.70 -3.91 7.93
C VAL A 49 6.24 -5.33 7.61
N ALA A 50 5.10 -5.72 8.13
CA ALA A 50 4.52 -7.04 7.80
C ALA A 50 3.52 -6.86 6.66
N MET A 51 3.42 -7.86 5.78
CA MET A 51 2.60 -7.72 4.57
C MET A 51 1.76 -8.95 4.30
N THR A 52 0.70 -8.72 3.57
CA THR A 52 -0.03 -9.77 2.87
C THR A 52 -0.67 -9.13 1.63
N ASN A 53 -1.44 -9.89 0.87
CA ASN A 53 -2.09 -9.37 -0.33
C ASN A 53 -3.46 -9.95 -0.50
N CYS A 54 -4.27 -9.27 -1.30
CA CYS A 54 -5.48 -9.85 -1.84
C CYS A 54 -5.60 -9.42 -3.29
N GLY A 55 -6.50 -10.05 -4.01
CA GLY A 55 -6.63 -9.85 -5.44
C GLY A 55 -6.07 -11.03 -6.21
N HIS A 56 -6.07 -10.93 -7.53
CA HIS A 56 -5.55 -11.99 -8.36
CA HIS A 56 -5.55 -11.98 -8.37
C HIS A 56 -4.03 -12.13 -8.21
N LEU A 57 -3.35 -11.03 -8.00
CA LEU A 57 -1.91 -11.02 -7.87
C LEU A 57 -1.52 -10.39 -6.55
N GLY A 58 -0.38 -10.83 -6.03
CA GLY A 58 0.16 -10.34 -4.80
C GLY A 58 1.64 -10.10 -4.95
N TRP A 59 2.08 -9.00 -4.35
CA TRP A 59 3.48 -8.60 -4.35
C TRP A 59 4.24 -9.47 -3.36
N THR A 60 5.38 -10.01 -3.76
N THR A 60 5.36 -10.02 -3.81
CA THR A 60 6.09 -10.86 -2.85
CA THR A 60 6.19 -10.87 -2.96
C THR A 60 7.53 -11.08 -3.28
C THR A 60 7.66 -10.70 -3.19
N THR A 61 8.40 -11.39 -2.31
CA THR A 61 9.71 -11.96 -2.58
C THR A 61 9.52 -13.32 -3.24
N HIS A 62 10.46 -13.69 -4.10
CA HIS A 62 10.52 -15.02 -4.68
C HIS A 62 11.90 -15.12 -5.31
N ARG A 63 12.62 -16.18 -4.97
CA ARG A 63 13.93 -16.43 -5.55
C ARG A 63 14.88 -15.21 -5.52
N GLN A 64 14.86 -14.46 -4.43
CA GLN A 64 15.79 -13.35 -4.25
C GLN A 64 15.53 -12.22 -5.25
N GLY A 65 14.25 -12.00 -5.53
CA GLY A 65 13.80 -10.86 -6.31
C GLY A 65 12.38 -10.54 -5.89
N TYR A 66 11.79 -9.50 -6.48
CA TYR A 66 10.40 -9.14 -6.23
C TYR A 66 9.57 -9.45 -7.46
N LEU A 67 8.33 -9.83 -7.24
CA LEU A 67 7.42 -10.04 -8.36
C LEU A 67 6.00 -10.16 -7.87
N TYR A 68 5.10 -10.14 -8.83
CA TYR A 68 3.70 -10.37 -8.55
C TYR A 68 3.37 -11.81 -8.89
N SER A 69 2.73 -12.50 -7.97
CA SER A 69 2.41 -13.91 -8.14
C SER A 69 0.94 -14.14 -7.82
N PRO A 70 0.31 -15.08 -8.54
CA PRO A 70 -1.08 -15.41 -8.23
C PRO A 70 -1.20 -16.32 -7.00
N ILE A 71 -0.06 -16.85 -6.56
CA ILE A 71 -0.04 -17.82 -5.46
C ILE A 71 0.75 -17.25 -4.29
N ASP A 72 0.19 -17.33 -3.09
CA ASP A 72 0.93 -16.96 -1.87
C ASP A 72 1.96 -18.02 -1.56
N PRO A 73 3.27 -17.67 -1.57
CA PRO A 73 4.30 -18.68 -1.28
C PRO A 73 4.19 -19.29 0.11
N GLN A 74 3.51 -18.63 1.04
CA GLN A 74 3.42 -19.16 2.38
C GLN A 74 2.37 -20.26 2.51
N THR A 75 1.28 -20.12 1.75
CA THR A 75 0.18 -21.08 1.82
C THR A 75 0.11 -22.02 0.62
N ASN A 76 0.80 -21.66 -0.47
CA ASN A 76 0.67 -22.35 -1.76
C ASN A 76 -0.75 -22.33 -2.35
N LYS A 77 -1.56 -21.42 -1.85
CA LYS A 77 -2.92 -21.15 -2.35
C LYS A 77 -3.00 -19.76 -2.94
N PRO A 78 -4.02 -19.51 -3.77
CA PRO A 78 -4.21 -18.14 -4.26
C PRO A 78 -4.35 -17.18 -3.09
N TRP A 79 -3.95 -15.93 -3.33
CA TRP A 79 -4.28 -14.88 -2.40
C TRP A 79 -5.80 -14.79 -2.30
N PRO A 80 -6.31 -14.33 -1.16
CA PRO A 80 -7.75 -14.13 -1.05
C PRO A 80 -8.26 -13.16 -2.11
N ALA A 81 -9.50 -13.37 -2.53
CA ALA A 81 -10.11 -12.47 -3.49
C ALA A 81 -10.20 -11.05 -2.95
N MET A 82 -10.21 -10.08 -3.85
CA MET A 82 -10.36 -8.68 -3.49
CA MET A 82 -10.31 -8.70 -3.38
C MET A 82 -11.69 -8.46 -2.77
N PRO A 83 -11.69 -7.99 -1.51
CA PRO A 83 -12.96 -7.70 -0.85
C PRO A 83 -13.79 -6.63 -1.58
N GLN A 84 -15.10 -6.72 -1.48
CA GLN A 84 -15.96 -5.70 -2.06
C GLN A 84 -15.61 -4.32 -1.55
N SER A 85 -15.34 -4.19 -0.25
CA SER A 85 -15.12 -2.87 0.34
C SER A 85 -13.89 -2.25 -0.28
N PHE A 86 -12.88 -3.08 -0.52
CA PHE A 86 -11.62 -2.63 -1.12
C PHE A 86 -11.85 -2.18 -2.55
N HIS A 87 -12.50 -3.03 -3.34
CA HIS A 87 -12.78 -2.73 -4.72
C HIS A 87 -13.54 -1.41 -4.85
N ASN A 88 -14.59 -1.26 -4.06
CA ASN A 88 -15.46 -0.08 -4.17
CA ASN A 88 -15.47 -0.10 -4.17
C ASN A 88 -14.76 1.20 -3.73
N LEU A 89 -14.00 1.15 -2.65
CA LEU A 89 -13.32 2.35 -2.17
C LEU A 89 -12.28 2.78 -3.20
N CYS A 90 -11.49 1.83 -3.70
CA CYS A 90 -10.48 2.14 -4.69
C CYS A 90 -11.10 2.77 -5.92
N GLN A 91 -12.19 2.21 -6.41
CA GLN A 91 -12.78 2.75 -7.61
C GLN A 91 -13.33 4.16 -7.38
N ARG A 92 -13.95 4.40 -6.23
CA ARG A 92 -14.45 5.75 -5.94
C ARG A 92 -13.31 6.75 -5.90
N ALA A 93 -12.20 6.38 -5.28
CA ALA A 93 -11.07 7.29 -5.17
C ALA A 93 -10.42 7.55 -6.52
N ALA A 94 -10.17 6.48 -7.27
CA ALA A 94 -9.52 6.61 -8.55
C ALA A 94 -10.38 7.44 -9.47
N THR A 95 -11.67 7.19 -9.47
CA THR A 95 -12.58 7.95 -10.32
C THR A 95 -12.57 9.44 -9.94
N ALA A 96 -12.67 9.73 -8.66
CA ALA A 96 -12.64 11.12 -8.22
C ALA A 96 -11.35 11.80 -8.68
N ALA A 97 -10.24 11.09 -8.64
CA ALA A 97 -8.94 11.65 -9.03
C ALA A 97 -8.68 11.66 -10.54
N GLY A 98 -9.60 11.16 -11.34
CA GLY A 98 -9.44 11.24 -12.78
C GLY A 98 -8.91 10.00 -13.49
N TYR A 99 -8.99 8.85 -12.81
CA TYR A 99 -8.55 7.56 -13.36
C TYR A 99 -9.71 6.59 -13.32
N PRO A 100 -10.75 6.85 -14.12
CA PRO A 100 -11.97 6.04 -14.03
C PRO A 100 -11.80 4.61 -14.51
N ASP A 101 -10.76 4.33 -15.29
CA ASP A 101 -10.56 2.97 -15.81
C ASP A 101 -9.57 2.17 -15.00
N PHE A 102 -9.08 2.72 -13.90
CA PHE A 102 -8.15 1.99 -13.07
C PHE A 102 -8.82 0.73 -12.53
N GLN A 103 -8.21 -0.42 -12.79
CA GLN A 103 -8.79 -1.71 -12.39
C GLN A 103 -7.70 -2.53 -11.75
N PRO A 104 -7.43 -2.28 -10.48
CA PRO A 104 -6.35 -3.02 -9.84
C PRO A 104 -6.68 -4.48 -9.72
N ASP A 105 -5.64 -5.30 -9.85
CA ASP A 105 -5.75 -6.72 -9.70
C ASP A 105 -4.87 -7.19 -8.55
N ALA A 106 -4.34 -6.26 -7.78
CA ALA A 106 -3.49 -6.58 -6.64
C ALA A 106 -3.70 -5.53 -5.58
N CYS A 107 -3.72 -5.95 -4.32
CA CYS A 107 -3.70 -5.01 -3.21
C CYS A 107 -2.72 -5.51 -2.18
N LEU A 108 -1.65 -4.79 -1.99
CA LEU A 108 -0.67 -5.09 -0.96
C LEU A 108 -1.13 -4.44 0.34
N ILE A 109 -1.14 -5.21 1.41
CA ILE A 109 -1.59 -4.75 2.70
C ILE A 109 -0.38 -4.71 3.59
N ASN A 110 -0.03 -3.53 4.10
CA ASN A 110 1.10 -3.35 4.99
C ASN A 110 0.61 -3.09 6.40
N ARG A 111 1.26 -3.70 7.38
CA ARG A 111 0.97 -3.46 8.80
C ARG A 111 2.24 -2.95 9.45
N TYR A 112 2.11 -1.80 10.13
CA TYR A 112 3.21 -1.15 10.82
CA TYR A 112 3.22 -1.16 10.82
C TYR A 112 2.99 -1.21 12.32
N ALA A 113 3.88 -1.93 12.99
CA ALA A 113 4.01 -1.84 14.43
C ALA A 113 4.89 -0.63 14.76
N PRO A 114 4.89 -0.17 16.03
CA PRO A 114 5.83 0.89 16.42
C PRO A 114 7.24 0.61 15.93
N GLY A 115 7.86 1.64 15.35
CA GLY A 115 9.23 1.57 14.86
C GLY A 115 9.35 1.06 13.44
N ALA A 116 8.29 0.47 12.90
CA ALA A 116 8.38 -0.06 11.54
C ALA A 116 8.50 1.07 10.55
N LYS A 117 9.20 0.80 9.45
CA LYS A 117 9.55 1.82 8.46
C LYS A 117 9.78 1.15 7.12
N LEU A 118 9.72 1.94 6.06
CA LEU A 118 10.09 1.49 4.72
CA LEU A 118 10.06 1.49 4.72
C LEU A 118 11.10 2.44 4.13
N SER A 119 12.25 1.90 3.75
CA SER A 119 13.30 2.72 3.16
CA SER A 119 13.30 2.72 3.16
C SER A 119 12.87 3.25 1.80
N LEU A 120 13.48 4.35 1.41
CA LEU A 120 13.15 5.02 0.16
C LEU A 120 13.28 4.06 -1.02
N HIS A 121 12.25 4.03 -1.87
CA HIS A 121 12.25 3.14 -3.02
C HIS A 121 11.29 3.67 -4.08
N GLN A 122 11.39 3.13 -5.29
CA GLN A 122 10.36 3.33 -6.32
C GLN A 122 9.54 2.08 -6.49
N ASP A 123 8.29 2.25 -6.92
CA ASP A 123 7.49 1.10 -7.35
C ASP A 123 7.50 1.02 -8.85
N LYS A 124 8.36 0.14 -9.35
CA LYS A 124 8.55 -0.03 -10.78
C LYS A 124 8.36 -1.48 -11.21
N ASP A 125 7.73 -2.31 -10.37
CA ASP A 125 7.54 -3.72 -10.70
C ASP A 125 6.29 -3.97 -11.55
N GLU A 126 5.54 -2.91 -11.86
CA GLU A 126 4.28 -3.04 -12.60
C GLU A 126 4.51 -2.86 -14.09
N PRO A 127 3.77 -3.60 -14.95
CA PRO A 127 3.95 -3.53 -16.41
C PRO A 127 3.63 -2.18 -17.05
N ASP A 128 2.62 -1.49 -16.57
CA ASP A 128 2.25 -0.19 -17.14
C ASP A 128 2.32 0.88 -16.05
N LEU A 129 3.37 1.69 -16.09
CA LEU A 129 3.55 2.74 -15.10
C LEU A 129 2.68 3.98 -15.35
N ARG A 130 1.80 3.92 -16.34
CA ARG A 130 0.76 4.93 -16.52
C ARG A 130 -0.42 4.74 -15.58
N ALA A 131 -0.60 3.52 -15.07
CA ALA A 131 -1.66 3.26 -14.12
C ALA A 131 -1.20 3.77 -12.77
N PRO A 132 -2.09 4.41 -12.01
CA PRO A 132 -1.71 4.97 -10.72
C PRO A 132 -1.61 3.86 -9.67
N ILE A 133 -1.08 4.22 -8.52
CA ILE A 133 -1.26 3.40 -7.32
C ILE A 133 -2.16 4.16 -6.34
N VAL A 134 -3.15 3.47 -5.76
CA VAL A 134 -4.05 4.10 -4.79
C VAL A 134 -3.72 3.58 -3.41
N SER A 135 -3.41 4.50 -2.52
CA SER A 135 -2.99 4.17 -1.15
CA SER A 135 -2.99 4.17 -1.17
C SER A 135 -4.03 4.60 -0.14
N VAL A 136 -4.39 3.72 0.77
CA VAL A 136 -5.38 3.98 1.79
C VAL A 136 -4.74 3.77 3.17
N SER A 137 -4.76 4.79 4.03
CA SER A 137 -4.18 4.74 5.36
C SER A 137 -5.22 4.51 6.43
N LEU A 138 -4.91 3.62 7.38
CA LEU A 138 -5.82 3.24 8.45
C LEU A 138 -5.06 3.16 9.78
N GLY A 139 -5.60 3.72 10.84
CA GLY A 139 -5.03 3.54 12.15
C GLY A 139 -4.09 4.68 12.48
N LEU A 140 -2.97 4.34 13.11
CA LEU A 140 -2.01 5.33 13.59
C LEU A 140 -1.42 6.13 12.45
N PRO A 141 -1.08 7.39 12.72
CA PRO A 141 -0.54 8.26 11.67
C PRO A 141 0.92 7.93 11.35
N ALA A 142 1.32 8.16 10.10
CA ALA A 142 2.71 7.93 9.67
C ALA A 142 3.22 9.10 8.86
N ILE A 143 4.51 9.32 8.93
CA ILE A 143 5.15 10.32 8.07
C ILE A 143 5.60 9.67 6.79
N PHE A 144 4.98 10.08 5.69
CA PHE A 144 5.32 9.63 4.34
C PHE A 144 6.33 10.58 3.73
N GLN A 145 7.45 10.07 3.27
CA GLN A 145 8.46 10.92 2.66
C GLN A 145 8.53 10.60 1.18
N PHE A 146 8.73 11.62 0.37
CA PHE A 146 8.85 11.40 -1.07
C PHE A 146 9.74 12.44 -1.67
N GLY A 147 10.45 12.05 -2.70
CA GLY A 147 11.34 12.96 -3.39
C GLY A 147 10.88 13.13 -4.82
N GLY A 148 11.74 12.70 -5.73
CA GLY A 148 11.48 12.89 -7.14
C GLY A 148 11.86 11.65 -7.90
N LEU A 149 12.15 11.86 -9.18
CA LEU A 149 12.50 10.77 -10.10
C LEU A 149 13.91 10.25 -9.84
N LYS A 150 14.72 11.07 -9.20
CA LYS A 150 16.10 10.69 -8.90
C LYS A 150 16.26 10.41 -7.41
N ARG A 151 17.09 9.44 -7.07
CA ARG A 151 17.27 9.01 -5.70
C ARG A 151 17.65 10.16 -4.76
N ASN A 152 18.34 11.16 -5.29
CA ASN A 152 18.82 12.24 -4.44
C ASN A 152 18.04 13.55 -4.59
N ASP A 153 16.88 13.49 -5.24
CA ASP A 153 16.01 14.67 -5.33
C ASP A 153 15.56 15.08 -3.93
N PRO A 154 15.26 16.38 -3.74
CA PRO A 154 14.89 16.86 -2.39
C PRO A 154 13.65 16.17 -1.84
N LEU A 155 13.71 15.77 -0.57
N LEU A 155 13.71 15.74 -0.58
CA LEU A 155 12.60 15.07 0.06
CA LEU A 155 12.59 15.07 0.06
C LEU A 155 11.58 16.04 0.68
C LEU A 155 11.59 16.05 0.65
N LYS A 156 10.32 15.66 0.57
CA LYS A 156 9.21 16.36 1.21
C LYS A 156 8.54 15.34 2.08
N ARG A 157 7.76 15.81 3.05
CA ARG A 157 7.13 14.90 4.00
C ARG A 157 5.72 15.33 4.26
N LEU A 158 4.84 14.34 4.43
CA LEU A 158 3.50 14.64 4.89
C LEU A 158 2.97 13.54 5.78
N LEU A 159 2.22 13.95 6.78
CA LEU A 159 1.57 13.02 7.66
C LEU A 159 0.36 12.42 6.94
N LEU A 160 0.26 11.10 6.99
CA LEU A 160 -0.92 10.39 6.50
C LEU A 160 -1.65 9.85 7.69
N GLU A 161 -2.92 10.22 7.80
CA GLU A 161 -3.75 9.89 8.95
C GLU A 161 -4.87 8.94 8.55
N HIS A 162 -5.50 8.37 9.56
CA HIS A 162 -6.59 7.41 9.39
C HIS A 162 -7.64 7.91 8.41
N GLY A 163 -7.88 7.11 7.38
CA GLY A 163 -8.86 7.44 6.37
C GLY A 163 -8.31 8.17 5.15
N ASP A 164 -7.08 8.65 5.22
CA ASP A 164 -6.54 9.39 4.09
C ASP A 164 -6.28 8.43 2.93
N VAL A 165 -6.59 8.91 1.73
CA VAL A 165 -6.31 8.19 0.50
C VAL A 165 -5.44 9.08 -0.37
N VAL A 166 -4.43 8.52 -0.99
CA VAL A 166 -3.65 9.23 -1.99
C VAL A 166 -3.67 8.45 -3.29
N VAL A 167 -3.95 9.12 -4.39
CA VAL A 167 -3.87 8.51 -5.71
C VAL A 167 -2.59 9.00 -6.36
N TRP A 168 -1.60 8.13 -6.48
CA TRP A 168 -0.29 8.48 -7.01
C TRP A 168 -0.26 8.25 -8.50
N GLY A 169 -0.48 9.30 -9.26
CA GLY A 169 -0.52 9.19 -10.69
C GLY A 169 0.47 10.13 -11.34
N GLY A 170 0.48 10.14 -12.65
CA GLY A 170 1.37 11.01 -13.39
C GLY A 170 2.81 10.83 -12.97
N GLU A 171 3.52 11.93 -12.89
CA GLU A 171 4.94 11.91 -12.53
C GLU A 171 5.16 11.33 -11.15
N SER A 172 4.27 11.61 -10.21
CA SER A 172 4.44 11.17 -8.82
C SER A 172 4.48 9.65 -8.71
N ARG A 173 3.89 8.96 -9.69
CA ARG A 173 3.83 7.51 -9.73
C ARG A 173 5.24 6.92 -9.66
N LEU A 174 6.22 7.68 -10.13
CA LEU A 174 7.61 7.22 -10.19
C LEU A 174 8.53 7.86 -9.13
N PHE A 175 7.98 8.60 -8.18
CA PHE A 175 8.83 9.23 -7.18
C PHE A 175 9.39 8.18 -6.23
N TYR A 176 10.64 8.38 -5.79
CA TYR A 176 11.12 7.66 -4.61
C TYR A 176 10.31 8.07 -3.38
N HIS A 177 10.00 7.10 -2.54
CA HIS A 177 9.17 7.35 -1.37
C HIS A 177 9.41 6.31 -0.30
N GLY A 178 8.95 6.61 0.90
CA GLY A 178 9.08 5.69 2.02
C GLY A 178 8.26 6.16 3.21
N ILE A 179 8.35 5.43 4.30
CA ILE A 179 7.62 5.70 5.53
C ILE A 179 8.63 5.73 6.67
N GLN A 180 8.59 6.78 7.48
CA GLN A 180 9.49 6.93 8.60
C GLN A 180 9.01 6.07 9.79
N PRO A 181 9.92 5.70 10.69
CA PRO A 181 9.56 4.81 11.80
C PRO A 181 8.28 5.21 12.51
N LEU A 182 7.35 4.28 12.63
CA LEU A 182 6.03 4.59 13.15
C LEU A 182 6.07 4.92 14.64
N LYS A 183 5.50 6.06 15.02
CA LYS A 183 5.34 6.40 16.43
C LYS A 183 4.26 5.52 17.08
N ALA A 184 4.53 5.02 18.27
CA ALA A 184 3.55 4.27 19.03
C ALA A 184 2.39 5.16 19.46
N GLY A 185 1.22 4.56 19.61
CA GLY A 185 0.09 5.29 20.13
C GLY A 185 -1.14 4.41 20.18
N PHE A 186 -2.29 5.05 20.27
CA PHE A 186 -3.55 4.32 20.33
C PHE A 186 -4.46 4.83 19.23
N HIS A 187 -5.11 3.90 18.54
CA HIS A 187 -6.20 4.23 17.63
C HIS A 187 -7.38 3.33 17.96
N PRO A 188 -8.60 3.88 18.04
CA PRO A 188 -9.73 3.05 18.49
C PRO A 188 -10.10 1.86 17.58
N LEU A 189 -9.80 1.94 16.30
CA LEU A 189 -10.11 0.85 15.37
C LEU A 189 -8.99 -0.13 15.09
N THR A 190 -7.72 0.29 15.20
CA THR A 190 -6.60 -0.62 14.95
C THR A 190 -5.81 -0.93 16.21
N ILE A 191 -6.16 -0.27 17.29
CA ILE A 191 -5.53 -0.40 18.61
C ILE A 191 -4.11 0.18 18.65
N ASP A 192 -3.14 -0.45 17.99
CA ASP A 192 -1.74 -0.08 18.18
C ASP A 192 -0.91 -0.15 16.90
N CYS A 193 -1.55 -0.11 15.75
CA CYS A 193 -0.80 -0.22 14.51
C CYS A 193 -1.38 0.70 13.44
N ARG A 194 -0.65 0.79 12.35
CA ARG A 194 -1.15 1.39 11.12
C ARG A 194 -1.26 0.29 10.08
N TYR A 195 -2.28 0.36 9.24
CA TYR A 195 -2.34 -0.43 8.02
C TYR A 195 -2.35 0.50 6.85
N ASN A 196 -1.81 0.05 5.75
CA ASN A 196 -2.04 0.77 4.48
CA ASN A 196 -1.99 0.75 4.49
C ASN A 196 -2.30 -0.23 3.38
N LEU A 197 -3.26 0.08 2.54
CA LEU A 197 -3.59 -0.69 1.35
C LEU A 197 -2.99 0.00 0.16
N THR A 198 -2.29 -0.69 -0.72
CA THR A 198 -1.88 -0.10 -1.98
C THR A 198 -2.38 -0.96 -3.13
N PHE A 199 -3.28 -0.38 -3.90
CA PHE A 199 -3.90 -1.00 -5.04
C PHE A 199 -3.07 -0.76 -6.28
N ARG A 200 -2.79 -1.82 -7.03
CA ARG A 200 -1.96 -1.77 -8.23
C ARG A 200 -2.60 -2.55 -9.38
N GLN A 201 -2.33 -2.12 -10.59
CA GLN A 201 -2.54 -2.92 -11.80
C GLN A 201 -1.22 -3.60 -12.08
N ALA A 202 -1.16 -4.87 -11.74
CA ALA A 202 0.08 -5.63 -11.79
C ALA A 202 0.12 -6.58 -12.96
N GLY A 203 -1.06 -6.94 -13.47
CA GLY A 203 -1.15 -7.82 -14.63
C GLY A 203 -1.01 -7.06 -15.93
N LYS A 204 -0.55 -7.76 -16.96
CA LYS A 204 -0.41 -7.17 -18.29
C LYS A 204 -1.75 -7.15 -19.03
#